data_5UV0
#
_entry.id   5UV0
#
_cell.length_a   85.790
_cell.length_b   85.790
_cell.length_c   216.350
_cell.angle_alpha   90.000
_cell.angle_beta   90.000
_cell.angle_gamma   90.000
#
_symmetry.space_group_name_H-M   'P 41 21 2'
#
loop_
_entity.id
_entity.type
_entity.pdbx_description
1 polymer '(+)-limonene synthase'
2 water water
#
_entity_poly.entity_id   1
_entity_poly.type   'polypeptide(L)'
_entity_poly.pdbx_seq_one_letter_code
;MSSCINPSTLATSVNGFKCLPLATNRAAIRIMAKNKPVQCLVSTKYDNLTVDRRSANYQPSIWDHDFLQSLNSNYTDETY
KRRAEELKGKVKTAIKDVTEPLDQLELIDNLQRLGLAYHFEPEIRNILRNIHNHNKDYNWRKENLYATSLEFRLLRQHGY
PVSQEVFSGFKDDKVGFICDDFKGILSLHEASYYSLEGESIMEEAWQFTSKHLKEMMITSNSKEEDVFVAEQAKRALELP
LHWKAPMLEARWFIHVYEKREDKNHLLLELAKLEFNTLQAIYQEELKDISGWWKDTGLGEKLSFARNRLVASFLWSMGIA
FEPQFAYCRRVLTISIALITVIDDIYDVYGTLDELEIFTDAVARWDINYALKHLPGYMKMCFLALYNFVNEFAYYVLKQQ
DFDMLLSIKHAWLGLIQAYLVEAKWYHSKYTPKLEEYLENGLVSITGPLIITISYLSGTNPIIKKELEFLESNPDIVHWS
SKIFRLQDDLGTSSDEIQRGDVPKSIQCYMHETGASEEVAREHIKDMMRQMWKKVNAYTADKDSPLTRTTAEFLLNLVRM
SHFMYLHGDGHGVQNQETIDVGFTLLFQPIPLEDKDMAFTASPGTKG
;
_entity_poly.pdbx_strand_id   A
#
# COMPACT_ATOMS: atom_id res chain seq x y z
N PRO A 60 -2.99 -22.29 -3.12
CA PRO A 60 -3.11 -23.43 -2.21
C PRO A 60 -3.07 -23.00 -0.73
N SER A 61 -4.18 -23.19 -0.03
CA SER A 61 -4.34 -22.69 1.33
C SER A 61 -3.64 -23.63 2.31
N ILE A 62 -2.42 -23.29 2.71
CA ILE A 62 -1.79 -24.02 3.81
C ILE A 62 -2.28 -23.50 5.15
N TRP A 63 -2.27 -22.18 5.30
CA TRP A 63 -2.67 -21.51 6.53
C TRP A 63 -4.19 -21.38 6.55
N ASP A 64 -4.84 -22.49 6.87
CA ASP A 64 -6.29 -22.59 6.76
C ASP A 64 -6.94 -22.31 8.11
N HIS A 65 -8.25 -22.57 8.19
CA HIS A 65 -9.05 -22.21 9.35
C HIS A 65 -8.54 -22.91 10.61
N ASP A 66 -8.39 -24.24 10.55
CA ASP A 66 -7.88 -24.95 11.71
C ASP A 66 -6.50 -24.45 12.12
N PHE A 67 -5.63 -24.16 11.16
CA PHE A 67 -4.33 -23.60 11.54
C PHE A 67 -4.51 -22.29 12.31
N LEU A 68 -5.37 -21.38 11.80
CA LEU A 68 -5.52 -20.08 12.47
C LEU A 68 -6.11 -20.24 13.86
N GLN A 69 -7.16 -21.07 14.01
CA GLN A 69 -7.76 -21.25 15.32
C GLN A 69 -6.77 -21.82 16.33
N SER A 70 -5.77 -22.56 15.87
CA SER A 70 -4.90 -23.26 16.81
C SER A 70 -3.82 -22.36 17.39
N LEU A 71 -3.62 -21.17 16.84
CA LEU A 71 -2.49 -20.36 17.28
C LEU A 71 -2.75 -19.79 18.66
N ASN A 72 -1.68 -19.59 19.40
CA ASN A 72 -1.83 -19.10 20.75
C ASN A 72 -0.52 -18.42 21.10
N SER A 73 -0.34 -17.23 20.55
CA SER A 73 0.89 -16.49 20.78
C SER A 73 1.00 -16.09 22.25
N ASN A 74 2.23 -16.16 22.74
CA ASN A 74 2.51 -15.75 24.11
C ASN A 74 2.34 -14.24 24.28
N TYR A 75 2.57 -13.47 23.21
CA TYR A 75 2.64 -12.01 23.27
C TYR A 75 1.27 -11.33 23.33
N THR A 76 0.16 -12.09 23.38
CA THR A 76 -1.11 -11.47 23.72
C THR A 76 -1.17 -11.05 25.18
N ASP A 77 -0.22 -11.48 26.00
CA ASP A 77 -0.37 -11.42 27.45
C ASP A 77 -0.19 -10.01 27.99
N GLU A 78 -0.66 -9.82 29.21
CA GLU A 78 -0.64 -8.51 29.85
C GLU A 78 0.76 -8.11 30.29
N THR A 79 1.64 -9.08 30.54
CA THR A 79 2.99 -8.76 31.00
C THR A 79 3.75 -7.96 29.95
N TYR A 80 3.78 -8.45 28.71
CA TYR A 80 4.47 -7.75 27.63
C TYR A 80 3.91 -6.35 27.44
N LYS A 81 2.57 -6.23 27.48
CA LYS A 81 1.93 -4.94 27.33
C LYS A 81 2.40 -3.94 28.38
N ARG A 82 2.87 -4.44 29.52
CA ARG A 82 3.39 -3.57 30.57
C ARG A 82 4.84 -3.17 30.30
N ARG A 83 5.66 -4.12 29.86
CA ARG A 83 7.04 -3.78 29.49
C ARG A 83 7.07 -2.80 28.32
N ALA A 84 6.11 -2.88 27.41
CA ALA A 84 6.09 -1.95 26.28
C ALA A 84 5.87 -0.53 26.75
N GLU A 85 4.93 -0.33 27.67
CA GLU A 85 4.69 1.00 28.23
C GLU A 85 5.91 1.51 28.98
N GLU A 86 6.57 0.64 29.73
CA GLU A 86 7.82 1.03 30.38
C GLU A 86 8.85 1.48 29.35
N LEU A 87 8.93 0.77 28.23
CA LEU A 87 9.94 1.11 27.23
C LEU A 87 9.59 2.40 26.49
N LYS A 88 8.31 2.61 26.18
CA LYS A 88 7.93 3.86 25.53
C LYS A 88 8.35 5.05 26.38
N GLY A 89 8.16 4.93 27.71
CA GLY A 89 8.53 6.02 28.59
C GLY A 89 10.02 6.31 28.54
N LYS A 90 10.83 5.26 28.62
CA LYS A 90 12.29 5.46 28.60
C LYS A 90 12.76 5.96 27.24
N VAL A 91 12.13 5.49 26.16
CA VAL A 91 12.51 5.99 24.83
C VAL A 91 12.18 7.48 24.70
N LYS A 92 11.00 7.90 25.18
CA LYS A 92 10.65 9.32 25.11
C LYS A 92 11.68 10.17 25.84
N THR A 93 12.27 9.64 26.90
CA THR A 93 13.27 10.38 27.64
C THR A 93 14.57 10.47 26.86
N ALA A 94 14.98 9.35 26.23
CA ALA A 94 16.20 9.37 25.43
C ALA A 94 16.07 10.29 24.22
N ILE A 95 14.86 10.42 23.68
CA ILE A 95 14.61 11.32 22.55
C ILE A 95 14.96 12.76 22.94
N LYS A 96 14.58 13.16 24.14
CA LYS A 96 14.88 14.51 24.61
C LYS A 96 16.37 14.81 24.57
N ASP A 97 17.22 13.81 24.79
CA ASP A 97 18.65 14.06 24.80
C ASP A 97 19.27 14.07 23.40
N VAL A 98 18.47 14.03 22.34
CA VAL A 98 18.98 14.12 20.98
C VAL A 98 18.73 15.54 20.51
N THR A 99 19.80 16.32 20.36
CA THR A 99 19.68 17.74 20.07
C THR A 99 20.30 18.16 18.76
N GLU A 100 21.33 17.46 18.28
CA GLU A 100 21.92 17.79 16.98
C GLU A 100 20.94 17.46 15.84
N PRO A 101 20.73 18.37 14.89
CA PRO A 101 19.71 18.12 13.87
C PRO A 101 19.90 16.85 13.08
N LEU A 102 21.11 16.58 12.61
CA LEU A 102 21.33 15.36 11.84
C LEU A 102 21.00 14.13 12.66
N ASP A 103 21.39 14.14 13.94
CA ASP A 103 21.03 13.03 14.83
C ASP A 103 19.53 12.95 15.03
N GLN A 104 18.84 14.09 15.05
CA GLN A 104 17.39 14.06 15.18
C GLN A 104 16.74 13.49 13.92
N LEU A 105 17.26 13.84 12.74
CA LEU A 105 16.75 13.29 11.50
C LEU A 105 16.99 11.79 11.44
N GLU A 106 18.18 11.34 11.83
CA GLU A 106 18.45 9.91 11.84
C GLU A 106 17.57 9.19 12.87
N LEU A 107 17.25 9.84 13.98
CA LEU A 107 16.34 9.25 14.96
C LEU A 107 14.98 9.00 14.34
N ILE A 108 14.40 10.01 13.70
CA ILE A 108 13.11 9.85 13.03
C ILE A 108 13.18 8.69 12.03
N ASP A 109 14.19 8.71 11.17
CA ASP A 109 14.37 7.65 10.18
C ASP A 109 14.39 6.29 10.84
N ASN A 110 15.07 6.17 11.98
CA ASN A 110 15.14 4.90 12.69
C ASN A 110 13.77 4.52 13.24
N LEU A 111 13.09 5.47 13.90
CA LEU A 111 11.76 5.18 14.42
C LEU A 111 10.81 4.72 13.32
N GLN A 112 10.87 5.35 12.14
CA GLN A 112 9.93 5.03 11.09
C GLN A 112 10.19 3.63 10.55
N ARG A 113 11.46 3.28 10.33
CA ARG A 113 11.80 2.00 9.74
C ARG A 113 11.71 0.84 10.72
N LEU A 114 11.78 1.10 12.03
CA LEU A 114 11.52 0.07 13.03
C LEU A 114 10.03 -0.19 13.21
N GLY A 115 9.17 0.59 12.56
CA GLY A 115 7.73 0.43 12.76
C GLY A 115 7.19 1.11 14.00
N LEU A 116 7.96 2.00 14.63
CA LEU A 116 7.59 2.54 15.93
C LEU A 116 7.01 3.95 15.87
N ALA A 117 6.97 4.58 14.70
CA ALA A 117 6.73 6.01 14.64
C ALA A 117 5.34 6.40 15.14
N TYR A 118 4.34 5.54 15.00
CA TYR A 118 3.02 5.96 15.46
C TYR A 118 2.95 6.09 16.98
N HIS A 119 3.97 5.61 17.70
CA HIS A 119 4.04 5.78 19.15
C HIS A 119 4.67 7.10 19.57
N PHE A 120 5.44 7.73 18.71
CA PHE A 120 6.17 8.95 19.03
C PHE A 120 5.80 10.09 18.09
N GLU A 121 4.50 10.22 17.80
CA GLU A 121 4.10 11.22 16.80
C GLU A 121 4.39 12.64 17.24
N PRO A 122 4.00 13.10 18.44
CA PRO A 122 4.33 14.48 18.81
C PRO A 122 5.81 14.73 18.83
N GLU A 123 6.61 13.73 19.23
CA GLU A 123 8.05 13.91 19.31
C GLU A 123 8.68 14.08 17.94
N ILE A 124 8.10 13.45 16.91
CA ILE A 124 8.61 13.61 15.56
C ILE A 124 8.14 14.93 14.98
N ARG A 125 6.86 15.25 15.17
CA ARG A 125 6.33 16.56 14.82
C ARG A 125 7.20 17.68 15.38
N ASN A 126 7.58 17.59 16.66
CA ASN A 126 8.40 18.63 17.27
C ASN A 126 9.74 18.77 16.54
N ILE A 127 10.45 17.66 16.39
CA ILE A 127 11.77 17.70 15.76
C ILE A 127 11.67 18.35 14.39
N LEU A 128 10.67 17.95 13.60
CA LEU A 128 10.56 18.44 12.23
C LEU A 128 10.14 19.90 12.19
N ARG A 129 9.16 20.28 13.02
CA ARG A 129 8.78 21.69 13.11
C ARG A 129 9.97 22.58 13.44
N ASN A 130 10.81 22.16 14.39
CA ASN A 130 11.94 22.98 14.79
C ASN A 130 13.04 23.00 13.74
N ILE A 131 13.21 21.91 13.00
CA ILE A 131 14.18 21.92 11.91
C ILE A 131 13.68 22.78 10.75
N HIS A 132 12.37 22.82 10.52
CA HIS A 132 11.83 23.69 9.49
C HIS A 132 12.02 25.16 9.87
N ASN A 133 11.84 25.50 11.16
CA ASN A 133 12.06 26.86 11.62
C ASN A 133 13.48 27.32 11.34
N HIS A 134 14.45 26.42 11.54
CA HIS A 134 15.86 26.77 11.51
C HIS A 134 16.50 26.58 10.13
N ASN A 135 15.89 25.85 9.22
CA ASN A 135 16.63 25.42 8.03
C ASN A 135 16.79 26.54 7.01
N LYS A 136 16.28 27.73 7.28
CA LYS A 136 16.54 28.91 6.47
C LYS A 136 17.59 29.82 7.12
N ASP A 137 18.21 29.37 8.21
CA ASP A 137 19.32 30.09 8.84
C ASP A 137 20.48 30.23 7.87
N TYR A 138 21.44 31.08 8.25
CA TYR A 138 22.47 31.50 7.31
C TYR A 138 23.33 30.32 6.86
N ASN A 139 24.04 29.68 7.78
CA ASN A 139 24.95 28.60 7.40
C ASN A 139 24.41 27.22 7.80
N TRP A 140 23.11 27.00 7.55
CA TRP A 140 22.51 25.70 7.86
C TRP A 140 22.88 24.65 6.81
N ARG A 141 22.75 24.98 5.52
CA ARG A 141 23.11 24.06 4.43
C ARG A 141 24.57 23.61 4.55
N LYS A 142 24.77 22.39 5.04
CA LYS A 142 26.08 21.90 5.42
C LYS A 142 26.81 21.17 4.29
N GLU A 143 26.30 21.28 3.05
CA GLU A 143 26.93 20.68 1.86
C GLU A 143 27.27 19.19 2.06
N ASN A 144 26.50 18.51 2.89
CA ASN A 144 26.58 17.06 3.06
C ASN A 144 25.41 16.46 2.27
N LEU A 145 25.72 15.74 1.19
CA LEU A 145 24.64 15.25 0.33
C LEU A 145 23.70 14.32 1.09
N TYR A 146 24.26 13.49 1.97
CA TYR A 146 23.44 12.60 2.77
C TYR A 146 22.52 13.39 3.69
N ALA A 147 23.08 14.35 4.44
CA ALA A 147 22.28 15.11 5.39
C ALA A 147 21.23 15.96 4.69
N THR A 148 21.60 16.58 3.57
CA THR A 148 20.65 17.38 2.82
C THR A 148 19.52 16.53 2.24
N SER A 149 19.86 15.32 1.76
CA SER A 149 18.85 14.42 1.21
C SER A 149 17.94 13.85 2.30
N LEU A 150 18.51 13.48 3.44
CA LEU A 150 17.71 12.98 4.54
C LEU A 150 16.70 14.02 4.98
N GLU A 151 17.16 15.27 5.14
CA GLU A 151 16.27 16.32 5.60
C GLU A 151 15.16 16.55 4.59
N PHE A 152 15.52 16.56 3.31
CA PHE A 152 14.53 16.79 2.24
C PHE A 152 13.47 15.71 2.25
N ARG A 153 13.90 14.43 2.28
CA ARG A 153 12.94 13.33 2.35
C ARG A 153 11.98 13.49 3.51
N LEU A 154 12.52 13.62 4.73
CA LEU A 154 11.66 13.62 5.91
C LEU A 154 10.69 14.79 5.89
N LEU A 155 11.19 15.98 5.56
CA LEU A 155 10.33 17.15 5.54
C LEU A 155 9.23 17.02 4.50
N ARG A 156 9.57 16.56 3.29
CA ARG A 156 8.54 16.37 2.27
C ARG A 156 7.60 15.25 2.66
N GLN A 157 8.12 14.18 3.27
CA GLN A 157 7.26 13.08 3.70
C GLN A 157 6.16 13.60 4.61
N HIS A 158 6.49 14.52 5.53
CA HIS A 158 5.51 15.01 6.50
C HIS A 158 4.87 16.31 6.08
N GLY A 159 4.93 16.67 4.81
CA GLY A 159 4.16 17.78 4.27
C GLY A 159 4.75 19.17 4.45
N TYR A 160 6.02 19.28 4.87
CA TYR A 160 6.67 20.58 4.96
C TYR A 160 7.25 20.96 3.59
N PRO A 161 7.09 22.22 3.17
CA PRO A 161 7.73 22.66 1.92
C PRO A 161 9.26 22.65 2.03
N VAL A 162 9.91 22.11 1.02
CA VAL A 162 11.35 22.21 0.84
C VAL A 162 11.62 22.27 -0.65
N SER A 163 12.54 23.14 -1.04
CA SER A 163 12.78 23.35 -2.47
C SER A 163 13.73 22.30 -3.01
N GLN A 164 13.52 21.92 -4.27
CA GLN A 164 14.55 21.14 -4.95
C GLN A 164 15.87 21.90 -5.01
N GLU A 165 15.86 23.22 -4.78
CA GLU A 165 17.08 24.02 -4.89
C GLU A 165 18.11 23.69 -3.81
N VAL A 166 17.72 23.02 -2.72
CA VAL A 166 18.69 22.59 -1.74
C VAL A 166 19.75 21.65 -2.32
N PHE A 167 19.53 21.10 -3.52
CA PHE A 167 20.48 20.19 -4.16
C PHE A 167 21.37 20.84 -5.20
N SER A 168 21.12 22.10 -5.56
CA SER A 168 21.79 22.67 -6.72
C SER A 168 23.27 22.81 -6.50
N GLY A 169 23.72 22.88 -5.25
CA GLY A 169 25.14 22.93 -4.97
C GLY A 169 25.90 21.68 -5.31
N PHE A 170 25.22 20.53 -5.34
CA PHE A 170 25.86 19.26 -5.63
C PHE A 170 25.89 18.94 -7.12
N LYS A 171 25.47 19.89 -7.94
CA LYS A 171 25.24 19.64 -9.36
C LYS A 171 25.90 20.74 -10.18
N ASP A 172 26.72 20.32 -11.14
CA ASP A 172 27.32 21.23 -12.11
C ASP A 172 26.46 21.26 -13.36
N ASP A 173 26.28 22.46 -13.93
CA ASP A 173 25.37 22.60 -15.06
C ASP A 173 25.84 21.80 -16.27
N LYS A 174 27.14 21.63 -16.43
CA LYS A 174 27.68 20.87 -17.57
C LYS A 174 27.66 19.38 -17.31
N VAL A 175 28.29 18.94 -16.20
CA VAL A 175 28.55 17.53 -15.96
C VAL A 175 27.53 16.88 -15.00
N GLY A 176 26.55 17.63 -14.52
CA GLY A 176 25.50 17.03 -13.70
C GLY A 176 25.91 16.87 -12.25
N PHE A 177 25.43 15.80 -11.63
CA PHE A 177 25.69 15.58 -10.21
C PHE A 177 27.09 15.03 -9.99
N ILE A 178 27.78 15.58 -8.98
CA ILE A 178 29.09 15.13 -8.56
C ILE A 178 28.95 14.61 -7.15
N CYS A 179 29.14 13.30 -6.98
CA CYS A 179 29.23 12.70 -5.66
C CYS A 179 29.80 11.32 -5.81
N ASP A 180 30.65 10.93 -4.88
CA ASP A 180 31.24 9.59 -4.89
C ASP A 180 30.86 8.79 -3.66
N ASP A 181 30.38 9.45 -2.61
CA ASP A 181 29.99 8.79 -1.36
C ASP A 181 28.68 8.02 -1.57
N PHE A 182 28.74 6.69 -1.42
CA PHE A 182 27.55 5.87 -1.66
C PHE A 182 26.41 6.27 -0.73
N LYS A 183 26.75 6.63 0.50
CA LYS A 183 25.73 6.93 1.50
C LYS A 183 24.91 8.15 1.09
N GLY A 184 25.57 9.16 0.51
CA GLY A 184 24.82 10.33 0.03
C GLY A 184 24.03 10.02 -1.22
N ILE A 185 24.58 9.16 -2.09
CA ILE A 185 23.87 8.76 -3.30
C ILE A 185 22.62 7.97 -2.95
N LEU A 186 22.74 7.02 -2.00
CA LEU A 186 21.57 6.25 -1.57
C LEU A 186 20.50 7.16 -0.98
N SER A 187 20.90 8.13 -0.16
CA SER A 187 19.91 9.02 0.46
C SER A 187 19.26 9.94 -0.58
N LEU A 188 20.03 10.43 -1.55
CA LEU A 188 19.46 11.26 -2.61
C LEU A 188 18.49 10.45 -3.46
N HIS A 189 18.85 9.20 -3.73
CA HIS A 189 17.96 8.32 -4.47
C HIS A 189 16.61 8.18 -3.77
N GLU A 190 16.63 7.97 -2.45
CA GLU A 190 15.36 7.89 -1.72
C GLU A 190 14.62 9.21 -1.75
N ALA A 191 15.35 10.32 -1.66
CA ALA A 191 14.70 11.62 -1.66
C ALA A 191 14.09 11.93 -3.03
N SER A 192 14.65 11.38 -4.09
CA SER A 192 14.17 11.73 -5.42
C SER A 192 12.74 11.27 -5.64
N TYR A 193 12.30 10.24 -4.92
CA TYR A 193 10.91 9.79 -5.05
C TYR A 193 9.93 10.75 -4.41
N TYR A 194 10.39 11.79 -3.72
CA TYR A 194 9.47 12.82 -3.25
C TYR A 194 9.33 13.98 -4.24
N SER A 195 9.88 13.82 -5.45
CA SER A 195 9.81 14.81 -6.51
C SER A 195 8.36 15.17 -6.82
N LEU A 196 8.17 16.39 -7.33
CA LEU A 196 6.91 16.82 -7.90
C LEU A 196 7.05 16.90 -9.41
N GLU A 197 5.93 16.99 -10.10
CA GLU A 197 5.95 17.20 -11.55
C GLU A 197 6.78 18.42 -11.90
N GLY A 198 7.67 18.27 -12.89
CA GLY A 198 8.42 19.39 -13.40
C GLY A 198 9.60 19.83 -12.56
N GLU A 199 9.99 19.08 -11.53
CA GLU A 199 11.18 19.43 -10.76
C GLU A 199 12.36 18.76 -11.45
N SER A 200 13.00 19.51 -12.35
CA SER A 200 14.02 18.93 -13.22
C SER A 200 15.28 18.57 -12.47
N ILE A 201 15.54 19.20 -11.34
CA ILE A 201 16.66 18.75 -10.52
C ILE A 201 16.37 17.37 -9.93
N MET A 202 15.16 17.20 -9.39
CA MET A 202 14.80 15.93 -8.78
C MET A 202 14.80 14.81 -9.81
N GLU A 203 14.34 15.10 -11.03
CA GLU A 203 14.38 14.10 -12.10
C GLU A 203 15.82 13.72 -12.45
N GLU A 204 16.70 14.72 -12.63
CA GLU A 204 18.11 14.43 -12.90
C GLU A 204 18.76 13.70 -11.74
N ALA A 205 18.38 14.05 -10.51
CA ALA A 205 18.87 13.31 -9.34
C ALA A 205 18.53 11.84 -9.45
N TRP A 206 17.28 11.52 -9.80
CA TRP A 206 16.90 10.11 -9.94
C TRP A 206 17.69 9.44 -11.05
N GLN A 207 17.79 10.10 -12.22
CA GLN A 207 18.58 9.53 -13.32
C GLN A 207 20.01 9.26 -12.87
N PHE A 208 20.61 10.18 -12.12
CA PHE A 208 22.01 10.01 -11.74
C PHE A 208 22.16 8.91 -10.69
N THR A 209 21.26 8.84 -9.70
CA THR A 209 21.40 7.86 -8.63
C THR A 209 21.04 6.45 -9.10
N SER A 210 19.94 6.31 -9.84
CA SER A 210 19.58 4.98 -10.30
C SER A 210 20.67 4.40 -11.19
N LYS A 211 21.23 5.22 -12.08
CA LYS A 211 22.34 4.76 -12.90
C LYS A 211 23.50 4.29 -12.03
N HIS A 212 23.87 5.11 -11.04
CA HIS A 212 24.97 4.75 -10.14
C HIS A 212 24.67 3.44 -9.40
N LEU A 213 23.44 3.27 -8.93
CA LEU A 213 23.13 2.07 -8.14
C LEU A 213 23.10 0.83 -9.01
N LYS A 214 22.65 0.93 -10.26
CA LYS A 214 22.65 -0.23 -11.15
C LYS A 214 24.06 -0.77 -11.36
N GLU A 215 25.05 0.13 -11.45
CA GLU A 215 26.42 -0.28 -11.66
C GLU A 215 27.05 -0.89 -10.41
N MET A 216 26.47 -0.65 -9.25
CA MET A 216 26.98 -1.29 -8.03
C MET A 216 26.85 -2.81 -8.10
N MET A 217 25.89 -3.31 -8.88
CA MET A 217 25.60 -4.74 -8.91
C MET A 217 26.11 -5.42 -10.17
N ILE A 218 27.09 -4.82 -10.86
CA ILE A 218 27.76 -5.44 -11.99
C ILE A 218 29.12 -5.97 -11.53
N ASP A 226 31.55 -4.48 1.95
CA ASP A 226 30.91 -4.23 0.66
C ASP A 226 29.59 -4.99 0.52
N VAL A 227 29.44 -6.09 1.26
CA VAL A 227 28.29 -6.95 1.07
C VAL A 227 27.00 -6.21 1.45
N PHE A 228 27.06 -5.37 2.48
CA PHE A 228 25.89 -4.61 2.89
C PHE A 228 25.58 -3.49 1.90
N VAL A 229 26.62 -2.87 1.34
CA VAL A 229 26.43 -1.81 0.36
C VAL A 229 25.66 -2.34 -0.85
N ALA A 230 26.06 -3.50 -1.37
CA ALA A 230 25.36 -4.06 -2.51
C ALA A 230 23.91 -4.40 -2.16
N GLU A 231 23.66 -4.87 -0.94
CA GLU A 231 22.29 -5.21 -0.57
C GLU A 231 21.42 -3.96 -0.46
N GLN A 232 21.95 -2.89 0.17
CA GLN A 232 21.22 -1.62 0.24
C GLN A 232 20.88 -1.10 -1.14
N ALA A 233 21.84 -1.13 -2.06
CA ALA A 233 21.57 -0.66 -3.41
C ALA A 233 20.52 -1.52 -4.10
N LYS A 234 20.60 -2.84 -3.92
CA LYS A 234 19.62 -3.73 -4.53
C LYS A 234 18.23 -3.45 -3.97
N ARG A 235 18.11 -3.26 -2.66
CA ARG A 235 16.80 -3.02 -2.07
C ARG A 235 16.24 -1.65 -2.50
N ALA A 236 17.07 -0.62 -2.56
CA ALA A 236 16.54 0.69 -2.92
C ALA A 236 16.11 0.71 -4.38
N LEU A 237 16.75 -0.10 -5.23
CA LEU A 237 16.38 -0.15 -6.63
C LEU A 237 15.06 -0.88 -6.84
N GLU A 238 14.75 -1.89 -6.05
CA GLU A 238 13.51 -2.60 -6.26
C GLU A 238 12.34 -1.98 -5.50
N LEU A 239 12.60 -1.21 -4.43
CA LEU A 239 11.52 -0.63 -3.66
C LEU A 239 12.03 0.54 -2.80
N PRO A 240 11.84 1.78 -3.23
CA PRO A 240 12.28 2.92 -2.40
C PRO A 240 11.36 3.09 -1.20
N LEU A 241 11.88 3.77 -0.16
CA LEU A 241 11.16 3.89 1.10
C LEU A 241 9.80 4.55 0.93
N HIS A 242 9.68 5.47 -0.03
CA HIS A 242 8.40 6.13 -0.24
C HIS A 242 7.33 5.16 -0.71
N TRP A 243 7.71 4.05 -1.31
CA TRP A 243 6.77 3.11 -1.91
C TRP A 243 6.51 1.90 -1.04
N LYS A 244 6.95 1.90 0.22
CA LYS A 244 6.69 0.77 1.09
C LYS A 244 6.05 1.26 2.38
N ALA A 245 5.02 0.54 2.82
CA ALA A 245 4.38 0.82 4.09
C ALA A 245 5.33 0.48 5.22
N PRO A 246 5.18 1.09 6.40
CA PRO A 246 6.26 0.99 7.40
C PRO A 246 6.51 -0.43 7.91
N MET A 247 5.46 -1.14 8.30
CA MET A 247 5.66 -2.42 8.96
C MET A 247 6.21 -3.49 8.04
N LEU A 248 6.10 -3.34 6.72
CA LEU A 248 6.51 -4.43 5.84
C LEU A 248 8.02 -4.63 5.88
N GLU A 249 8.77 -3.55 6.01
CA GLU A 249 10.23 -3.60 6.12
C GLU A 249 10.71 -3.77 7.56
N ALA A 250 9.82 -3.94 8.54
CA ALA A 250 10.24 -3.80 9.94
C ALA A 250 11.21 -4.91 10.36
N ARG A 251 10.93 -6.16 9.99
CA ARG A 251 11.82 -7.25 10.43
C ARG A 251 13.22 -7.07 9.86
N TRP A 252 13.33 -6.77 8.57
CA TRP A 252 14.64 -6.56 7.97
C TRP A 252 15.38 -5.44 8.69
N PHE A 253 14.70 -4.32 8.91
CA PHE A 253 15.40 -3.19 9.50
C PHE A 253 15.74 -3.41 10.97
N ILE A 254 14.90 -4.15 11.70
CA ILE A 254 15.24 -4.47 13.08
C ILE A 254 16.60 -5.17 13.13
N HIS A 255 16.87 -6.05 12.17
CA HIS A 255 18.14 -6.77 12.19
C HIS A 255 19.29 -5.89 11.75
N VAL A 256 19.06 -5.04 10.74
CA VAL A 256 20.06 -4.03 10.43
C VAL A 256 20.38 -3.21 11.68
N TYR A 257 19.33 -2.74 12.36
CA TYR A 257 19.51 -1.82 13.48
C TYR A 257 20.33 -2.44 14.61
N GLU A 258 20.04 -3.70 14.98
CA GLU A 258 20.75 -4.29 16.10
C GLU A 258 22.20 -4.62 15.75
N LYS A 259 22.53 -4.68 14.47
CA LYS A 259 23.89 -4.86 14.01
C LYS A 259 24.71 -3.57 14.08
N ARG A 260 24.13 -2.47 14.57
CA ARG A 260 24.81 -1.17 14.62
C ARG A 260 25.52 -0.98 15.95
N GLU A 261 26.74 -0.43 15.89
CA GLU A 261 27.47 -0.11 17.10
C GLU A 261 26.71 0.89 17.97
N ASP A 262 26.31 2.01 17.37
CA ASP A 262 25.72 3.13 18.10
C ASP A 262 24.23 2.92 18.43
N LYS A 263 23.72 1.70 18.35
CA LYS A 263 22.29 1.51 18.52
C LYS A 263 21.86 1.91 19.93
N ASN A 264 20.60 2.31 20.03
CA ASN A 264 19.94 2.44 21.32
C ASN A 264 19.29 1.10 21.65
N HIS A 265 19.71 0.50 22.76
CA HIS A 265 19.27 -0.86 23.07
C HIS A 265 17.81 -0.91 23.49
N LEU A 266 17.29 0.14 24.12
CA LEU A 266 15.89 0.14 24.50
C LEU A 266 14.98 0.34 23.29
N LEU A 267 15.42 1.10 22.30
CA LEU A 267 14.65 1.26 21.06
C LEU A 267 14.49 -0.07 20.35
N LEU A 268 15.60 -0.80 20.18
CA LEU A 268 15.57 -2.10 19.54
C LEU A 268 14.62 -3.07 20.26
N GLU A 269 14.75 -3.17 21.58
CA GLU A 269 13.88 -4.08 22.32
C GLU A 269 12.42 -3.69 22.20
N LEU A 270 12.14 -2.39 22.20
CA LEU A 270 10.77 -1.95 21.99
C LEU A 270 10.29 -2.35 20.60
N ALA A 271 11.19 -2.31 19.61
CA ALA A 271 10.81 -2.64 18.24
C ALA A 271 10.48 -4.13 18.11
N LYS A 272 11.32 -5.00 18.68
CA LYS A 272 11.03 -6.43 18.64
C LYS A 272 9.71 -6.73 19.35
N LEU A 273 9.51 -6.11 20.52
CA LEU A 273 8.32 -6.39 21.31
C LEU A 273 7.04 -5.94 20.60
N GLU A 274 7.06 -4.74 20.01
CA GLU A 274 5.86 -4.24 19.35
C GLU A 274 5.57 -5.03 18.08
N PHE A 275 6.60 -5.45 17.38
CA PHE A 275 6.42 -6.33 16.23
C PHE A 275 5.72 -7.62 16.63
N ASN A 276 6.19 -8.25 17.72
CA ASN A 276 5.57 -9.52 18.13
C ASN A 276 4.16 -9.30 18.65
N THR A 277 3.93 -8.20 19.36
CA THR A 277 2.59 -7.87 19.83
C THR A 277 1.63 -7.67 18.67
N LEU A 278 2.09 -6.95 17.65
CA LEU A 278 1.28 -6.73 16.46
C LEU A 278 0.88 -8.06 15.82
N GLN A 279 1.84 -8.97 15.67
CA GLN A 279 1.53 -10.29 15.13
C GLN A 279 0.40 -10.96 15.90
N ALA A 280 0.51 -10.94 17.24
CA ALA A 280 -0.48 -11.60 18.09
C ALA A 280 -1.85 -10.98 17.90
N ILE A 281 -1.90 -9.65 17.81
CA ILE A 281 -3.18 -8.97 17.59
C ILE A 281 -3.78 -9.42 16.26
N TYR A 282 -2.96 -9.49 15.21
CA TYR A 282 -3.48 -9.90 13.90
C TYR A 282 -3.98 -11.34 13.93
N GLN A 283 -3.29 -12.24 14.65
CA GLN A 283 -3.71 -13.64 14.72
C GLN A 283 -5.09 -13.77 15.37
N GLU A 284 -5.33 -13.04 16.46
CA GLU A 284 -6.67 -13.00 17.05
C GLU A 284 -7.71 -12.53 16.05
N GLU A 285 -7.43 -11.43 15.33
CA GLU A 285 -8.39 -10.97 14.32
C GLU A 285 -8.61 -12.05 13.29
N LEU A 286 -7.53 -12.70 12.85
CA LEU A 286 -7.66 -13.73 11.83
C LEU A 286 -8.50 -14.90 12.32
N LYS A 287 -8.39 -15.27 13.61
CA LYS A 287 -9.28 -16.31 14.14
C LYS A 287 -10.73 -15.95 13.93
N ASP A 288 -11.08 -14.69 14.20
CA ASP A 288 -12.46 -14.26 14.10
C ASP A 288 -12.88 -14.11 12.64
N ILE A 289 -12.02 -13.50 11.82
CA ILE A 289 -12.37 -13.38 10.40
C ILE A 289 -12.51 -14.76 9.77
N SER A 290 -11.63 -15.68 10.15
CA SER A 290 -11.64 -17.03 9.58
C SER A 290 -12.98 -17.72 9.78
N GLY A 291 -13.50 -17.71 11.02
CA GLY A 291 -14.77 -18.36 11.28
C GLY A 291 -15.91 -17.76 10.48
N TRP A 292 -15.89 -16.44 10.34
CA TRP A 292 -16.92 -15.79 9.53
C TRP A 292 -16.86 -16.29 8.10
N TRP A 293 -15.66 -16.44 7.56
CA TRP A 293 -15.49 -16.93 6.19
C TRP A 293 -15.96 -18.38 6.05
N LYS A 294 -15.62 -19.23 7.03
CA LYS A 294 -16.13 -20.60 7.04
C LYS A 294 -17.65 -20.63 7.05
N ASP A 295 -18.29 -19.82 7.91
CA ASP A 295 -19.74 -19.81 7.99
C ASP A 295 -20.41 -19.54 6.65
N THR A 296 -19.84 -18.68 5.82
CA THR A 296 -20.49 -18.42 4.54
C THR A 296 -20.35 -19.57 3.57
N GLY A 297 -19.37 -20.45 3.80
CA GLY A 297 -19.25 -21.64 2.99
C GLY A 297 -19.07 -21.42 1.50
N LEU A 298 -18.59 -20.25 1.09
CA LEU A 298 -18.36 -20.04 -0.33
C LEU A 298 -17.34 -21.04 -0.90
N GLY A 299 -16.26 -21.29 -0.15
CA GLY A 299 -15.29 -22.30 -0.55
C GLY A 299 -15.87 -23.70 -0.81
N GLU A 300 -17.13 -23.93 -0.45
CA GLU A 300 -17.77 -25.24 -0.58
C GLU A 300 -18.68 -25.35 -1.79
N LYS A 301 -19.54 -24.35 -2.03
CA LYS A 301 -20.45 -24.42 -3.17
C LYS A 301 -19.70 -24.23 -4.49
N LEU A 302 -18.73 -23.31 -4.52
CA LEU A 302 -17.95 -23.03 -5.71
C LEU A 302 -16.56 -23.63 -5.50
N SER A 303 -16.19 -24.59 -6.38
CA SER A 303 -14.89 -25.23 -6.23
C SER A 303 -13.74 -24.34 -6.68
N PHE A 304 -14.02 -23.27 -7.43
CA PHE A 304 -13.02 -22.28 -7.78
C PHE A 304 -12.82 -21.23 -6.70
N ALA A 305 -13.82 -21.01 -5.85
CA ALA A 305 -13.70 -20.06 -4.74
C ALA A 305 -12.72 -20.62 -3.72
N ARG A 306 -11.44 -20.28 -3.88
CA ARG A 306 -10.42 -20.80 -2.98
C ARG A 306 -10.32 -19.91 -1.75
N ASN A 307 -9.61 -20.41 -0.74
CA ASN A 307 -9.41 -19.68 0.50
C ASN A 307 -8.22 -18.73 0.31
N ARG A 308 -8.52 -17.45 0.07
CA ARG A 308 -7.54 -16.39 -0.03
C ARG A 308 -7.68 -15.42 1.14
N LEU A 309 -8.04 -15.97 2.30
CA LEU A 309 -8.29 -15.15 3.47
C LEU A 309 -7.01 -14.53 4.00
N VAL A 310 -5.97 -15.35 4.20
CA VAL A 310 -4.71 -14.82 4.74
C VAL A 310 -4.11 -13.81 3.78
N ALA A 311 -4.11 -14.15 2.49
CA ALA A 311 -3.62 -13.23 1.46
C ALA A 311 -4.41 -11.92 1.48
N SER A 312 -5.73 -11.99 1.63
CA SER A 312 -6.52 -10.77 1.71
C SER A 312 -6.17 -9.97 2.97
N PHE A 313 -6.02 -10.66 4.12
CA PHE A 313 -5.68 -9.96 5.36
C PHE A 313 -4.34 -9.25 5.24
N LEU A 314 -3.41 -9.85 4.51
CA LEU A 314 -2.11 -9.22 4.32
C LEU A 314 -2.26 -7.87 3.65
N TRP A 315 -3.08 -7.81 2.59
CA TRP A 315 -3.39 -6.52 1.96
C TRP A 315 -3.98 -5.55 2.98
N SER A 316 -4.95 -6.01 3.77
CA SER A 316 -5.65 -5.13 4.68
C SER A 316 -4.71 -4.56 5.72
N MET A 317 -3.75 -5.37 6.15
CA MET A 317 -2.75 -4.94 7.12
C MET A 317 -1.78 -3.95 6.51
N GLY A 318 -1.44 -4.12 5.23
CA GLY A 318 -0.62 -3.12 4.58
C GLY A 318 -1.35 -1.80 4.42
N ILE A 319 -2.67 -1.85 4.26
CA ILE A 319 -3.43 -0.61 4.15
C ILE A 319 -3.52 0.10 5.49
N ALA A 320 -3.63 -0.65 6.59
CA ALA A 320 -3.85 -0.04 7.90
C ALA A 320 -3.33 -1.01 8.96
N PHE A 321 -2.11 -0.79 9.42
CA PHE A 321 -1.50 -1.77 10.31
C PHE A 321 -1.80 -1.53 11.78
N GLU A 322 -2.26 -0.33 12.15
CA GLU A 322 -2.28 0.02 13.57
C GLU A 322 -3.39 -0.71 14.34
N PRO A 323 -3.12 -1.06 15.61
CA PRO A 323 -4.12 -1.76 16.43
C PRO A 323 -5.53 -1.20 16.37
N GLN A 324 -5.68 0.13 16.34
CA GLN A 324 -7.01 0.73 16.38
C GLN A 324 -7.82 0.47 15.12
N PHE A 325 -7.21 -0.04 14.05
CA PHE A 325 -7.92 -0.21 12.78
C PHE A 325 -8.42 -1.63 12.60
N ALA A 326 -8.68 -2.33 13.70
CA ALA A 326 -9.14 -3.72 13.64
C ALA A 326 -10.41 -3.86 12.80
N TYR A 327 -11.39 -3.00 13.03
CA TYR A 327 -12.61 -3.10 12.24
C TYR A 327 -12.32 -2.83 10.78
N CYS A 328 -11.47 -1.85 10.50
CA CYS A 328 -11.08 -1.55 9.12
C CYS A 328 -10.44 -2.78 8.46
N ARG A 329 -9.51 -3.43 9.14
CA ARG A 329 -8.89 -4.62 8.56
C ARG A 329 -9.90 -5.74 8.33
N ARG A 330 -10.90 -5.86 9.21
CA ARG A 330 -11.89 -6.92 9.06
C ARG A 330 -12.72 -6.71 7.80
N VAL A 331 -13.26 -5.51 7.62
CA VAL A 331 -14.07 -5.22 6.44
C VAL A 331 -13.24 -5.25 5.16
N LEU A 332 -12.01 -4.73 5.22
CA LEU A 332 -11.13 -4.82 4.06
C LEU A 332 -10.88 -6.29 3.69
N THR A 333 -10.55 -7.12 4.69
CA THR A 333 -10.22 -8.51 4.40
C THR A 333 -11.39 -9.24 3.76
N ILE A 334 -12.58 -9.06 4.33
CA ILE A 334 -13.72 -9.78 3.79
C ILE A 334 -14.09 -9.23 2.43
N SER A 335 -14.01 -7.91 2.25
CA SER A 335 -14.29 -7.31 0.94
C SER A 335 -13.36 -7.89 -0.11
N ILE A 336 -12.08 -7.99 0.21
CA ILE A 336 -11.11 -8.48 -0.78
C ILE A 336 -11.33 -9.96 -1.05
N ALA A 337 -11.63 -10.75 -0.02
CA ALA A 337 -11.96 -12.15 -0.26
C ALA A 337 -13.17 -12.28 -1.17
N LEU A 338 -14.21 -11.47 -0.94
CA LEU A 338 -15.38 -11.54 -1.82
C LEU A 338 -15.02 -11.11 -3.25
N ILE A 339 -14.14 -10.11 -3.38
CA ILE A 339 -13.75 -9.66 -4.70
C ILE A 339 -13.10 -10.80 -5.48
N THR A 340 -12.18 -11.55 -4.83
CA THR A 340 -11.54 -12.64 -5.56
C THR A 340 -12.56 -13.65 -6.07
N VAL A 341 -13.65 -13.90 -5.32
CA VAL A 341 -14.70 -14.77 -5.82
C VAL A 341 -15.44 -14.13 -6.99
N ILE A 342 -15.80 -12.85 -6.84
CA ILE A 342 -16.53 -12.17 -7.92
C ILE A 342 -15.65 -12.07 -9.16
N ASP A 343 -14.39 -11.67 -8.97
CA ASP A 343 -13.44 -11.55 -10.07
C ASP A 343 -13.38 -12.85 -10.87
N ASP A 344 -13.33 -13.98 -10.16
CA ASP A 344 -13.37 -15.28 -10.83
C ASP A 344 -14.62 -15.46 -11.66
N ILE A 345 -15.77 -15.01 -11.15
CA ILE A 345 -16.99 -15.19 -11.92
C ILE A 345 -16.96 -14.36 -13.20
N TYR A 346 -16.48 -13.12 -13.12
CA TYR A 346 -16.52 -12.26 -14.30
C TYR A 346 -15.42 -12.59 -15.29
N ASP A 347 -14.26 -13.02 -14.82
CA ASP A 347 -13.16 -13.27 -15.73
C ASP A 347 -13.25 -14.65 -16.37
N VAL A 348 -13.83 -15.62 -15.68
CA VAL A 348 -13.69 -17.02 -16.07
C VAL A 348 -15.01 -17.74 -16.27
N TYR A 349 -15.85 -17.80 -15.24
CA TYR A 349 -16.92 -18.80 -15.22
C TYR A 349 -18.26 -18.34 -15.78
N GLY A 350 -18.58 -17.05 -15.71
CA GLY A 350 -19.88 -16.56 -16.16
C GLY A 350 -19.92 -16.20 -17.63
N THR A 351 -21.05 -16.50 -18.27
CA THR A 351 -21.36 -16.00 -19.59
C THR A 351 -21.77 -14.54 -19.52
N LEU A 352 -21.77 -13.87 -20.67
CA LEU A 352 -22.06 -12.44 -20.68
C LEU A 352 -23.45 -12.15 -20.14
N ASP A 353 -24.43 -12.99 -20.48
CA ASP A 353 -25.81 -12.73 -20.05
C ASP A 353 -25.92 -12.85 -18.54
N GLU A 354 -25.27 -13.86 -17.97
CA GLU A 354 -25.22 -13.99 -16.52
C GLU A 354 -24.54 -12.80 -15.90
N LEU A 355 -23.37 -12.43 -16.42
CA LEU A 355 -22.66 -11.24 -15.95
C LEU A 355 -23.53 -10.00 -16.01
N GLU A 356 -24.36 -9.89 -17.05
CA GLU A 356 -25.26 -8.75 -17.14
C GLU A 356 -26.32 -8.81 -16.05
N ILE A 357 -26.83 -10.00 -15.74
CA ILE A 357 -27.83 -10.10 -14.69
C ILE A 357 -27.22 -9.74 -13.33
N PHE A 358 -26.03 -10.27 -13.04
CA PHE A 358 -25.38 -10.00 -11.77
C PHE A 358 -25.11 -8.50 -11.59
N THR A 359 -24.59 -7.86 -12.64
CA THR A 359 -24.39 -6.41 -12.58
C THR A 359 -25.70 -5.69 -12.24
N ASP A 360 -26.80 -6.11 -12.87
CA ASP A 360 -28.06 -5.43 -12.61
C ASP A 360 -28.53 -5.68 -11.19
N ALA A 361 -28.41 -6.92 -10.72
CA ALA A 361 -28.77 -7.24 -9.33
C ALA A 361 -27.99 -6.37 -8.36
N VAL A 362 -26.70 -6.15 -8.61
CA VAL A 362 -25.96 -5.25 -7.74
C VAL A 362 -26.51 -3.83 -7.83
N ALA A 363 -26.78 -3.36 -9.06
CA ALA A 363 -27.29 -2.00 -9.23
C ALA A 363 -28.63 -1.83 -8.52
N ARG A 364 -29.51 -2.82 -8.62
CA ARG A 364 -30.81 -2.70 -7.96
C ARG A 364 -30.69 -2.82 -6.45
N TRP A 365 -29.76 -3.64 -5.97
CA TRP A 365 -29.57 -3.85 -4.53
C TRP A 365 -30.86 -4.38 -3.91
N ASP A 366 -31.40 -5.41 -4.53
CA ASP A 366 -32.73 -5.90 -4.20
C ASP A 366 -32.63 -7.41 -4.06
N ILE A 367 -32.69 -7.92 -2.82
CA ILE A 367 -32.49 -9.34 -2.61
C ILE A 367 -33.58 -10.15 -3.32
N ASN A 368 -34.81 -9.65 -3.32
CA ASN A 368 -35.90 -10.40 -3.92
C ASN A 368 -35.69 -10.57 -5.42
N TYR A 369 -35.37 -9.48 -6.10
CA TYR A 369 -35.03 -9.56 -7.52
C TYR A 369 -33.87 -10.51 -7.75
N ALA A 370 -32.82 -10.40 -6.93
CA ALA A 370 -31.62 -11.20 -7.16
C ALA A 370 -31.92 -12.69 -7.05
N LEU A 371 -32.67 -13.09 -6.02
CA LEU A 371 -32.99 -14.51 -5.89
C LEU A 371 -33.93 -14.96 -6.99
N LYS A 372 -34.77 -14.05 -7.49
CA LYS A 372 -35.67 -14.42 -8.59
C LYS A 372 -34.90 -14.68 -9.88
N HIS A 373 -33.92 -13.83 -10.21
CA HIS A 373 -33.35 -13.85 -11.55
C HIS A 373 -31.95 -14.41 -11.68
N LEU A 374 -31.18 -14.56 -10.57
CA LEU A 374 -29.79 -14.94 -10.76
C LEU A 374 -29.65 -16.44 -11.06
N PRO A 375 -28.65 -16.82 -11.85
CA PRO A 375 -28.27 -18.23 -11.94
C PRO A 375 -27.95 -18.79 -10.56
N GLY A 376 -28.21 -20.09 -10.40
CA GLY A 376 -28.02 -20.69 -9.09
C GLY A 376 -26.64 -20.45 -8.51
N TYR A 377 -25.60 -20.66 -9.32
CA TYR A 377 -24.24 -20.59 -8.79
C TYR A 377 -23.85 -19.18 -8.38
N MET A 378 -24.62 -18.16 -8.76
CA MET A 378 -24.38 -16.78 -8.38
C MET A 378 -25.18 -16.33 -7.18
N LYS A 379 -26.21 -17.08 -6.77
CA LYS A 379 -27.09 -16.59 -5.72
C LYS A 379 -26.34 -16.45 -4.40
N MET A 380 -25.56 -17.46 -4.03
CA MET A 380 -24.88 -17.38 -2.75
C MET A 380 -23.81 -16.30 -2.75
N CYS A 381 -23.03 -16.24 -3.81
CA CYS A 381 -22.05 -15.17 -3.93
C CYS A 381 -22.73 -13.81 -3.83
N PHE A 382 -23.88 -13.64 -4.48
CA PHE A 382 -24.54 -12.33 -4.38
C PHE A 382 -25.05 -12.07 -2.97
N LEU A 383 -25.72 -13.07 -2.39
CA LEU A 383 -26.35 -12.83 -1.09
C LEU A 383 -25.29 -12.67 -0.01
N ALA A 384 -24.12 -13.29 -0.17
CA ALA A 384 -23.04 -13.08 0.79
C ALA A 384 -22.53 -11.64 0.72
N LEU A 385 -22.35 -11.10 -0.48
CA LEU A 385 -21.98 -9.69 -0.61
C LEU A 385 -23.06 -8.80 -0.02
N TYR A 386 -24.31 -9.06 -0.39
CA TYR A 386 -25.44 -8.24 0.01
C TYR A 386 -25.54 -8.13 1.53
N ASN A 387 -25.50 -9.28 2.22
CA ASN A 387 -25.63 -9.25 3.68
C ASN A 387 -24.40 -8.66 4.35
N PHE A 388 -23.21 -8.95 3.82
CA PHE A 388 -21.98 -8.36 4.35
C PHE A 388 -22.04 -6.84 4.28
N VAL A 389 -22.41 -6.30 3.12
CA VAL A 389 -22.47 -4.84 2.97
C VAL A 389 -23.58 -4.25 3.84
N ASN A 390 -24.75 -4.88 3.87
CA ASN A 390 -25.82 -4.37 4.73
C ASN A 390 -25.46 -4.45 6.21
N GLU A 391 -24.70 -5.47 6.63
CA GLU A 391 -24.23 -5.47 8.01
C GLU A 391 -23.17 -4.40 8.23
N PHE A 392 -22.35 -4.14 7.21
CA PHE A 392 -21.37 -3.06 7.29
C PHE A 392 -22.08 -1.74 7.53
N ALA A 393 -23.12 -1.46 6.75
CA ALA A 393 -23.91 -0.25 6.94
C ALA A 393 -24.56 -0.22 8.31
N TYR A 394 -25.06 -1.37 8.77
CA TYR A 394 -25.65 -1.44 10.10
C TYR A 394 -24.62 -1.04 11.15
N TYR A 395 -23.42 -1.57 11.06
CA TYR A 395 -22.42 -1.33 12.10
C TYR A 395 -22.10 0.17 12.19
N VAL A 396 -22.00 0.84 11.05
CA VAL A 396 -21.67 2.26 11.07
C VAL A 396 -22.85 3.09 11.56
N LEU A 397 -24.07 2.66 11.21
CA LEU A 397 -25.25 3.34 11.73
C LEU A 397 -25.28 3.26 13.27
N LYS A 398 -25.07 2.06 13.81
CA LYS A 398 -25.06 1.88 15.26
C LYS A 398 -23.93 2.65 15.92
N GLN A 399 -22.73 2.64 15.31
CA GLN A 399 -21.56 3.26 15.94
C GLN A 399 -21.66 4.79 15.95
N GLN A 400 -22.10 5.40 14.86
CA GLN A 400 -21.98 6.86 14.81
C GLN A 400 -23.15 7.52 14.10
N ASP A 401 -24.26 6.82 13.95
CA ASP A 401 -25.49 7.41 13.45
C ASP A 401 -25.33 7.92 12.03
N PHE A 402 -24.43 7.31 11.27
CA PHE A 402 -24.17 7.73 9.90
C PHE A 402 -24.64 6.62 8.95
N ASP A 403 -25.41 7.01 7.94
CA ASP A 403 -25.99 6.08 6.97
C ASP A 403 -25.17 6.18 5.68
N MET A 404 -24.35 5.17 5.41
CA MET A 404 -23.49 5.21 4.23
C MET A 404 -23.83 4.16 3.19
N LEU A 405 -25.01 3.55 3.27
CA LEU A 405 -25.31 2.43 2.38
C LEU A 405 -25.24 2.85 0.91
N LEU A 406 -25.88 3.97 0.56
CA LEU A 406 -25.85 4.40 -0.84
C LEU A 406 -24.42 4.54 -1.34
N SER A 407 -23.53 5.07 -0.50
CA SER A 407 -22.14 5.26 -0.88
C SER A 407 -21.42 3.93 -1.10
N ILE A 408 -21.51 3.02 -0.13
CA ILE A 408 -20.75 1.77 -0.24
C ILE A 408 -21.28 0.94 -1.41
N LYS A 409 -22.61 0.84 -1.55
CA LYS A 409 -23.11 0.04 -2.67
C LYS A 409 -22.80 0.68 -4.02
N HIS A 410 -22.73 2.01 -4.07
CA HIS A 410 -22.31 2.68 -5.30
C HIS A 410 -20.86 2.29 -5.66
N ALA A 411 -19.97 2.28 -4.66
CA ALA A 411 -18.60 1.87 -4.94
C ALA A 411 -18.52 0.43 -5.43
N TRP A 412 -19.31 -0.48 -4.85
CA TRP A 412 -19.29 -1.87 -5.34
C TRP A 412 -19.82 -1.94 -6.76
N LEU A 413 -20.92 -1.24 -7.04
CA LEU A 413 -21.43 -1.23 -8.41
C LEU A 413 -20.36 -0.77 -9.39
N GLY A 414 -19.63 0.29 -9.05
CA GLY A 414 -18.58 0.77 -9.93
C GLY A 414 -17.56 -0.29 -10.27
N LEU A 415 -17.11 -1.05 -9.26
CA LEU A 415 -16.21 -2.16 -9.52
C LEU A 415 -16.84 -3.14 -10.50
N ILE A 416 -18.07 -3.55 -10.22
CA ILE A 416 -18.71 -4.60 -11.01
C ILE A 416 -18.96 -4.11 -12.43
N GLN A 417 -19.35 -2.85 -12.58
CA GLN A 417 -19.52 -2.31 -13.93
C GLN A 417 -18.19 -2.33 -14.69
N ALA A 418 -17.09 -2.02 -14.03
CA ALA A 418 -15.81 -2.05 -14.73
C ALA A 418 -15.42 -3.48 -15.10
N TYR A 419 -15.82 -4.46 -14.28
CA TYR A 419 -15.58 -5.84 -14.65
C TYR A 419 -16.34 -6.21 -15.91
N LEU A 420 -17.57 -5.70 -16.04
CA LEU A 420 -18.39 -5.99 -17.20
C LEU A 420 -17.75 -5.45 -18.47
N VAL A 421 -17.25 -4.22 -18.41
CA VAL A 421 -16.61 -3.62 -19.57
C VAL A 421 -15.49 -4.52 -20.09
N GLU A 422 -14.62 -4.98 -19.19
CA GLU A 422 -13.54 -5.88 -19.57
C GLU A 422 -14.09 -7.17 -20.16
N ALA A 423 -15.22 -7.66 -19.65
CA ALA A 423 -15.80 -8.89 -20.19
C ALA A 423 -16.31 -8.67 -21.61
N LYS A 424 -16.87 -7.49 -21.89
CA LYS A 424 -17.33 -7.19 -23.25
C LYS A 424 -16.15 -7.00 -24.20
N TRP A 425 -15.06 -6.38 -23.73
CA TRP A 425 -13.87 -6.29 -24.57
C TRP A 425 -13.37 -7.68 -24.95
N TYR A 426 -13.32 -8.60 -23.99
CA TYR A 426 -12.81 -9.93 -24.28
C TYR A 426 -13.72 -10.69 -25.25
N HIS A 427 -15.04 -10.53 -25.10
CA HIS A 427 -15.95 -11.20 -26.00
C HIS A 427 -15.75 -10.73 -27.44
N SER A 428 -15.58 -9.42 -27.63
CA SER A 428 -15.32 -8.85 -28.95
C SER A 428 -13.86 -8.97 -29.38
N LYS A 429 -13.01 -9.61 -28.57
CA LYS A 429 -11.57 -9.70 -28.84
C LYS A 429 -10.95 -8.33 -29.09
N TYR A 430 -11.61 -7.29 -28.58
CA TYR A 430 -11.12 -5.93 -28.75
C TYR A 430 -9.88 -5.68 -27.91
N THR A 431 -8.93 -4.94 -28.47
CA THR A 431 -7.73 -4.57 -27.73
C THR A 431 -7.69 -3.05 -27.62
N PRO A 432 -8.05 -2.49 -26.49
CA PRO A 432 -8.09 -1.03 -26.37
C PRO A 432 -6.69 -0.46 -26.26
N LYS A 433 -6.58 0.81 -26.65
CA LYS A 433 -5.34 1.52 -26.40
C LYS A 433 -5.13 1.66 -24.91
N LEU A 434 -3.88 1.84 -24.52
CA LEU A 434 -3.53 1.86 -23.10
C LEU A 434 -4.42 2.81 -22.32
N GLU A 435 -4.60 4.04 -22.81
CA GLU A 435 -5.30 5.04 -22.00
C GLU A 435 -6.76 4.66 -21.79
N GLU A 436 -7.40 4.07 -22.80
CA GLU A 436 -8.76 3.60 -22.62
C GLU A 436 -8.79 2.36 -21.71
N TYR A 437 -7.77 1.51 -21.80
CA TYR A 437 -7.67 0.40 -20.88
C TYR A 437 -7.56 0.88 -19.44
N LEU A 438 -6.71 1.90 -19.20
CA LEU A 438 -6.46 2.36 -17.85
C LEU A 438 -7.62 3.15 -17.28
N GLU A 439 -8.38 3.83 -18.13
CA GLU A 439 -9.54 4.57 -17.64
C GLU A 439 -10.50 3.64 -16.92
N ASN A 440 -10.75 2.48 -17.51
CA ASN A 440 -11.57 1.46 -16.86
C ASN A 440 -10.76 0.64 -15.86
N GLY A 441 -9.49 0.36 -16.17
CA GLY A 441 -8.69 -0.49 -15.32
C GLY A 441 -8.36 0.12 -13.97
N LEU A 442 -8.42 1.44 -13.85
CA LEU A 442 -8.21 2.04 -12.54
C LEU A 442 -9.39 1.78 -11.61
N VAL A 443 -10.57 1.53 -12.17
CA VAL A 443 -11.70 1.14 -11.35
C VAL A 443 -11.65 -0.36 -11.07
N SER A 444 -11.41 -1.17 -12.11
CA SER A 444 -11.50 -2.61 -11.99
C SER A 444 -10.39 -3.19 -11.13
N ILE A 445 -9.30 -2.45 -10.92
CA ILE A 445 -8.27 -2.90 -10.00
C ILE A 445 -8.70 -2.75 -8.53
N THR A 446 -9.85 -2.13 -8.27
CA THR A 446 -10.53 -1.91 -6.97
C THR A 446 -10.01 -0.71 -6.20
N GLY A 447 -9.12 0.10 -6.75
CA GLY A 447 -8.64 1.29 -6.06
C GLY A 447 -9.75 2.15 -5.46
N PRO A 448 -10.67 2.63 -6.30
CA PRO A 448 -11.76 3.46 -5.75
C PRO A 448 -12.63 2.72 -4.74
N LEU A 449 -12.88 1.42 -4.93
CA LEU A 449 -13.66 0.68 -3.93
C LEU A 449 -12.91 0.57 -2.60
N ILE A 450 -11.62 0.25 -2.67
CA ILE A 450 -10.84 0.02 -1.45
C ILE A 450 -10.68 1.29 -0.63
N ILE A 451 -10.47 2.46 -1.27
CA ILE A 451 -10.36 3.66 -0.45
C ILE A 451 -11.71 4.01 0.17
N THR A 452 -12.81 3.76 -0.52
CA THR A 452 -14.11 4.03 0.07
C THR A 452 -14.38 3.12 1.27
N ILE A 453 -14.06 1.84 1.13
CA ILE A 453 -14.17 0.93 2.26
C ILE A 453 -13.29 1.38 3.41
N SER A 454 -12.03 1.71 3.11
CA SER A 454 -11.10 2.07 4.16
C SER A 454 -11.58 3.31 4.90
N TYR A 455 -12.10 4.29 4.17
CA TYR A 455 -12.60 5.49 4.81
C TYR A 455 -13.84 5.20 5.66
N LEU A 456 -14.82 4.51 5.07
CA LEU A 456 -16.06 4.22 5.78
C LEU A 456 -15.85 3.32 6.99
N SER A 457 -14.86 2.43 6.95
CA SER A 457 -14.63 1.51 8.05
C SER A 457 -13.54 1.97 9.00
N GLY A 458 -12.80 3.02 8.65
CA GLY A 458 -11.60 3.39 9.38
C GLY A 458 -11.64 4.78 9.99
N THR A 459 -12.80 5.45 9.91
CA THR A 459 -12.95 6.84 10.30
C THR A 459 -14.12 6.98 11.24
N ASN A 460 -13.88 7.55 12.41
CA ASN A 460 -14.97 7.90 13.32
C ASN A 460 -14.66 9.25 13.93
N PRO A 461 -15.39 10.31 13.59
CA PRO A 461 -16.58 10.39 12.72
C PRO A 461 -16.34 10.57 11.22
N ILE A 462 -17.15 9.85 10.43
CA ILE A 462 -17.19 10.05 8.99
C ILE A 462 -17.63 11.47 8.71
N ILE A 463 -16.88 12.17 7.85
CA ILE A 463 -17.17 13.56 7.48
C ILE A 463 -17.84 13.56 6.11
N LYS A 464 -19.05 14.12 6.04
CA LYS A 464 -19.83 14.08 4.81
C LYS A 464 -19.08 14.72 3.63
N LYS A 465 -18.46 15.88 3.85
CA LYS A 465 -17.74 16.52 2.76
C LYS A 465 -16.57 15.67 2.27
N GLU A 466 -15.91 14.96 3.19
CA GLU A 466 -14.79 14.10 2.83
C GLU A 466 -15.26 12.93 1.98
N LEU A 467 -16.33 12.27 2.42
CA LEU A 467 -16.91 11.18 1.63
C LEU A 467 -17.35 11.67 0.26
N GLU A 468 -17.93 12.87 0.22
CA GLU A 468 -18.39 13.43 -1.05
C GLU A 468 -17.21 13.68 -1.98
N PHE A 469 -16.08 14.12 -1.41
CA PHE A 469 -14.87 14.27 -2.23
C PHE A 469 -14.44 12.93 -2.83
N LEU A 470 -14.39 11.87 -1.99
CA LEU A 470 -14.05 10.55 -2.52
C LEU A 470 -15.00 10.12 -3.64
N GLU A 471 -16.28 10.45 -3.52
CA GLU A 471 -17.25 10.03 -4.52
C GLU A 471 -17.18 10.83 -5.81
N SER A 472 -16.58 12.01 -5.78
CA SER A 472 -16.44 12.87 -6.97
C SER A 472 -15.32 12.40 -7.89
N ASN A 473 -14.69 11.27 -7.59
CA ASN A 473 -13.61 10.73 -8.40
C ASN A 473 -12.45 11.71 -8.44
N PRO A 474 -11.82 11.98 -7.30
CA PRO A 474 -10.76 12.98 -7.26
C PRO A 474 -9.47 12.48 -7.88
N ASP A 475 -8.58 13.43 -8.15
CA ASP A 475 -7.38 13.14 -8.91
C ASP A 475 -6.44 12.22 -8.15
N ILE A 476 -6.31 12.40 -6.83
CA ILE A 476 -5.40 11.54 -6.08
C ILE A 476 -5.85 10.07 -6.22
N VAL A 477 -7.15 9.82 -6.22
CA VAL A 477 -7.66 8.45 -6.40
C VAL A 477 -7.47 8.00 -7.85
N HIS A 478 -7.65 8.92 -8.80
CA HIS A 478 -7.46 8.60 -10.21
C HIS A 478 -6.04 8.10 -10.47
N TRP A 479 -5.03 8.85 -10.02
CA TRP A 479 -3.65 8.49 -10.35
C TRP A 479 -3.13 7.37 -9.49
N SER A 480 -3.50 7.32 -8.20
CA SER A 480 -3.14 6.19 -7.37
C SER A 480 -3.66 4.88 -7.97
N SER A 481 -4.92 4.86 -8.41
CA SER A 481 -5.48 3.62 -8.93
C SER A 481 -4.84 3.23 -10.25
N LYS A 482 -4.41 4.22 -11.07
CA LYS A 482 -3.68 3.89 -12.29
C LYS A 482 -2.35 3.23 -11.95
N ILE A 483 -1.62 3.78 -10.98
CA ILE A 483 -0.37 3.13 -10.56
C ILE A 483 -0.64 1.70 -10.14
N PHE A 484 -1.59 1.54 -9.21
CA PHE A 484 -2.04 0.23 -8.75
C PHE A 484 -2.30 -0.72 -9.92
N ARG A 485 -3.11 -0.27 -10.88
CA ARG A 485 -3.42 -1.12 -12.03
C ARG A 485 -2.18 -1.46 -12.85
N LEU A 486 -1.34 -0.45 -13.14
CA LEU A 486 -0.13 -0.73 -13.91
C LEU A 486 0.76 -1.72 -13.16
N GLN A 487 0.90 -1.52 -11.86
CA GLN A 487 1.80 -2.36 -11.09
C GLN A 487 1.30 -3.79 -11.03
N ASP A 488 -0.01 -3.96 -10.85
CA ASP A 488 -0.58 -5.30 -10.87
C ASP A 488 -0.35 -5.97 -12.22
N ASP A 489 -0.63 -5.24 -13.31
CA ASP A 489 -0.46 -5.79 -14.65
C ASP A 489 0.98 -6.18 -14.93
N LEU A 490 1.95 -5.51 -14.31
CA LEU A 490 3.33 -5.94 -14.50
C LEU A 490 3.58 -7.33 -13.93
N GLY A 491 2.71 -7.84 -13.06
CA GLY A 491 2.86 -9.18 -12.54
C GLY A 491 2.54 -10.28 -13.54
N THR A 492 1.89 -9.95 -14.66
CA THR A 492 1.69 -10.90 -15.74
C THR A 492 3.02 -11.52 -16.18
N SER A 493 2.99 -12.82 -16.46
CA SER A 493 4.19 -13.51 -16.92
C SER A 493 4.31 -13.46 -18.44
N SER A 494 5.54 -13.64 -18.92
CA SER A 494 5.78 -13.65 -20.36
C SER A 494 5.00 -14.76 -21.05
N ASP A 495 4.83 -15.91 -20.39
CA ASP A 495 4.08 -17.00 -21.00
C ASP A 495 2.66 -16.57 -21.34
N GLU A 496 2.01 -15.82 -20.45
CA GLU A 496 0.67 -15.34 -20.76
C GLU A 496 0.70 -14.15 -21.72
N ILE A 497 1.72 -13.29 -21.60
CA ILE A 497 1.90 -12.22 -22.58
C ILE A 497 1.96 -12.78 -23.99
N GLN A 498 2.67 -13.89 -24.16
CA GLN A 498 2.79 -14.58 -25.45
C GLN A 498 1.70 -15.62 -25.68
N ARG A 499 1.02 -16.10 -24.63
CA ARG A 499 -0.20 -16.87 -24.83
C ARG A 499 -1.24 -16.02 -25.54
N GLY A 500 -1.60 -14.88 -24.95
CA GLY A 500 -2.12 -13.75 -25.68
C GLY A 500 -3.62 -13.55 -25.66
N ASP A 501 -4.36 -14.24 -24.80
CA ASP A 501 -5.81 -14.20 -24.93
C ASP A 501 -6.41 -12.88 -24.45
N VAL A 502 -5.99 -12.39 -23.29
CA VAL A 502 -6.63 -11.25 -22.65
C VAL A 502 -5.61 -10.12 -22.49
N PRO A 503 -5.80 -8.97 -23.13
CA PRO A 503 -4.75 -7.94 -23.13
C PRO A 503 -4.86 -6.96 -21.97
N LYS A 504 -3.75 -6.79 -21.23
CA LYS A 504 -3.70 -5.81 -20.15
C LYS A 504 -2.68 -4.72 -20.49
N SER A 505 -2.13 -4.04 -19.47
CA SER A 505 -1.31 -2.86 -19.73
C SER A 505 -0.18 -3.17 -20.69
N ILE A 506 0.59 -4.23 -20.42
CA ILE A 506 1.77 -4.52 -21.23
C ILE A 506 1.39 -4.75 -22.69
N GLN A 507 0.37 -5.59 -22.93
CA GLN A 507 -0.01 -5.95 -24.29
C GLN A 507 -0.63 -4.76 -25.04
N CYS A 508 -1.47 -3.98 -24.36
CA CYS A 508 -2.01 -2.77 -24.97
C CYS A 508 -0.90 -1.82 -25.38
N TYR A 509 0.13 -1.70 -24.54
CA TYR A 509 1.22 -0.79 -24.85
C TYR A 509 2.05 -1.32 -26.02
N MET A 510 2.34 -2.63 -26.02
CA MET A 510 3.03 -3.25 -27.14
C MET A 510 2.25 -3.06 -28.43
N HIS A 511 0.96 -3.39 -28.39
CA HIS A 511 0.09 -3.28 -29.56
C HIS A 511 0.11 -1.86 -30.11
N GLU A 512 0.16 -0.87 -29.22
CA GLU A 512 -0.01 0.53 -29.59
C GLU A 512 1.30 1.21 -30.00
N THR A 513 2.45 0.70 -29.53
CA THR A 513 3.74 1.30 -29.89
C THR A 513 4.67 0.38 -30.67
N GLY A 514 4.36 -0.91 -30.77
CA GLY A 514 5.30 -1.84 -31.37
C GLY A 514 6.52 -2.16 -30.54
N ALA A 515 6.60 -1.65 -29.31
CA ALA A 515 7.70 -2.01 -28.42
C ALA A 515 7.65 -3.50 -28.08
N SER A 516 8.81 -4.05 -27.75
CA SER A 516 8.86 -5.41 -27.24
C SER A 516 8.28 -5.47 -25.83
N GLU A 517 8.05 -6.69 -25.36
CA GLU A 517 7.57 -6.89 -24.00
C GLU A 517 8.55 -6.29 -23.00
N GLU A 518 9.83 -6.57 -23.19
CA GLU A 518 10.83 -6.09 -22.25
C GLU A 518 10.84 -4.57 -22.18
N VAL A 519 10.72 -3.91 -23.34
CA VAL A 519 10.72 -2.44 -23.36
C VAL A 519 9.41 -1.91 -22.77
N ALA A 520 8.29 -2.55 -23.13
CA ALA A 520 6.98 -2.18 -22.57
C ALA A 520 6.99 -2.19 -21.04
N ARG A 521 7.54 -3.25 -20.43
CA ARG A 521 7.63 -3.29 -18.97
C ARG A 521 8.41 -2.10 -18.43
N GLU A 522 9.55 -1.79 -19.06
CA GLU A 522 10.39 -0.67 -18.60
C GLU A 522 9.65 0.65 -18.70
N HIS A 523 8.96 0.88 -19.82
CA HIS A 523 8.21 2.11 -19.97
C HIS A 523 7.07 2.18 -18.97
N ILE A 524 6.41 1.05 -18.71
CA ILE A 524 5.31 1.05 -17.75
C ILE A 524 5.83 1.37 -16.36
N LYS A 525 6.99 0.82 -16.00
CA LYS A 525 7.61 1.16 -14.72
C LYS A 525 7.91 2.64 -14.63
N ASP A 526 8.42 3.23 -15.72
CA ASP A 526 8.69 4.66 -15.66
C ASP A 526 7.41 5.47 -15.51
N MET A 527 6.33 5.06 -16.18
CA MET A 527 5.04 5.74 -15.98
C MET A 527 4.64 5.79 -14.51
N MET A 528 4.93 4.71 -13.76
CA MET A 528 4.50 4.68 -12.37
C MET A 528 5.23 5.75 -11.58
N ARG A 529 6.55 5.82 -11.76
CA ARG A 529 7.34 6.85 -11.11
C ARG A 529 6.82 8.26 -11.47
N GLN A 530 6.42 8.48 -12.73
CA GLN A 530 5.91 9.80 -13.12
C GLN A 530 4.53 10.05 -12.51
N MET A 531 3.68 9.05 -12.45
CA MET A 531 2.39 9.25 -11.80
C MET A 531 2.51 9.48 -10.30
N TRP A 532 3.50 8.87 -9.66
CA TRP A 532 3.71 9.18 -8.24
C TRP A 532 4.05 10.65 -8.02
N LYS A 533 4.61 11.32 -9.03
CA LYS A 533 4.87 12.75 -8.92
C LYS A 533 3.57 13.54 -8.77
N LYS A 534 2.53 13.18 -9.51
CA LYS A 534 1.26 13.86 -9.34
C LYS A 534 0.66 13.57 -7.96
N VAL A 535 0.71 12.31 -7.53
CA VAL A 535 0.18 11.94 -6.22
C VAL A 535 0.87 12.73 -5.12
N ASN A 536 2.18 12.96 -5.26
CA ASN A 536 2.91 13.74 -4.26
C ASN A 536 2.37 15.16 -4.17
N ALA A 537 1.90 15.71 -5.28
CA ALA A 537 1.28 17.04 -5.21
C ALA A 537 -0.03 16.99 -4.45
N TYR A 538 -0.94 16.10 -4.84
CA TYR A 538 -2.25 16.00 -4.18
C TYR A 538 -2.12 15.74 -2.69
N THR A 539 -1.07 15.04 -2.28
CA THR A 539 -0.87 14.72 -0.87
C THR A 539 -0.47 15.95 -0.06
N ALA A 540 0.38 16.80 -0.61
CA ALA A 540 0.85 18.01 0.07
C ALA A 540 -0.16 19.16 -0.01
N ASP A 541 -1.27 18.96 -0.70
CA ASP A 541 -2.32 19.97 -0.87
C ASP A 541 -3.10 20.11 0.44
N LYS A 542 -2.67 21.04 1.29
CA LYS A 542 -3.34 21.29 2.57
C LYS A 542 -4.82 21.61 2.45
N ASP A 543 -5.34 21.89 1.25
CA ASP A 543 -6.72 22.32 1.10
C ASP A 543 -7.64 21.22 0.54
N SER A 544 -7.21 19.97 0.50
CA SER A 544 -8.21 19.05 0.00
C SER A 544 -9.11 18.60 1.14
N PRO A 545 -10.34 18.20 0.83
CA PRO A 545 -11.17 17.60 1.88
C PRO A 545 -10.54 16.38 2.53
N LEU A 546 -9.67 15.63 1.83
CA LEU A 546 -9.10 14.42 2.42
C LEU A 546 -8.06 14.75 3.47
N THR A 547 -8.24 14.22 4.68
CA THR A 547 -7.21 14.38 5.69
C THR A 547 -5.96 13.60 5.30
N ARG A 548 -4.88 13.85 6.02
CA ARG A 548 -3.65 13.12 5.77
C ARG A 548 -3.84 11.65 6.07
N THR A 549 -4.55 11.33 7.15
CA THR A 549 -4.72 9.93 7.49
C THR A 549 -5.61 9.20 6.48
N THR A 550 -6.59 9.90 5.89
CA THR A 550 -7.37 9.28 4.81
C THR A 550 -6.51 9.02 3.59
N ALA A 551 -5.64 9.97 3.26
CA ALA A 551 -4.78 9.81 2.09
C ALA A 551 -3.77 8.69 2.30
N GLU A 552 -3.35 8.45 3.55
CA GLU A 552 -2.43 7.36 3.81
C GLU A 552 -3.05 6.00 3.51
N PHE A 553 -4.37 5.81 3.77
CA PHE A 553 -5.00 4.56 3.33
C PHE A 553 -4.75 4.33 1.86
N LEU A 554 -4.99 5.38 1.06
CA LEU A 554 -4.90 5.26 -0.40
C LEU A 554 -3.47 4.92 -0.81
N LEU A 555 -2.50 5.69 -0.30
CA LEU A 555 -1.11 5.44 -0.66
C LEU A 555 -0.64 4.10 -0.14
N ASN A 556 -1.11 3.66 1.03
CA ASN A 556 -0.68 2.36 1.50
C ASN A 556 -1.20 1.24 0.59
N LEU A 557 -2.40 1.40 0.04
CA LEU A 557 -2.87 0.45 -0.96
C LEU A 557 -1.90 0.37 -2.13
N VAL A 558 -1.46 1.52 -2.66
CA VAL A 558 -0.52 1.49 -3.79
C VAL A 558 0.79 0.87 -3.34
N ARG A 559 1.28 1.28 -2.18
CA ARG A 559 2.51 0.71 -1.65
C ARG A 559 2.39 -0.80 -1.55
N MET A 560 1.21 -1.29 -1.21
CA MET A 560 1.07 -2.72 -1.06
C MET A 560 1.15 -3.43 -2.41
N SER A 561 0.66 -2.79 -3.50
CA SER A 561 0.82 -3.41 -4.80
C SER A 561 2.29 -3.44 -5.22
N HIS A 562 3.05 -2.38 -4.90
CA HIS A 562 4.50 -2.41 -5.16
C HIS A 562 5.15 -3.53 -4.36
N PHE A 563 4.75 -3.68 -3.11
CA PHE A 563 5.36 -4.70 -2.26
C PHE A 563 5.03 -6.10 -2.77
N MET A 564 3.77 -6.34 -3.12
CA MET A 564 3.36 -7.69 -3.54
C MET A 564 3.86 -8.06 -4.94
N TYR A 565 4.25 -7.07 -5.77
CA TYR A 565 4.89 -7.40 -7.04
C TYR A 565 6.18 -8.16 -6.80
N LEU A 566 6.91 -7.80 -5.74
CA LEU A 566 8.16 -8.50 -5.40
C LEU A 566 7.92 -9.85 -4.73
N HIS A 567 6.96 -9.95 -3.81
CA HIS A 567 6.74 -11.17 -3.04
C HIS A 567 5.33 -11.73 -3.21
N GLY A 568 4.88 -11.92 -4.44
CA GLY A 568 3.54 -12.40 -4.64
C GLY A 568 3.54 -13.63 -5.52
N ASP A 569 2.50 -13.72 -6.35
CA ASP A 569 2.31 -14.87 -7.24
C ASP A 569 3.13 -14.76 -8.52
N GLY A 570 3.36 -13.56 -9.04
CA GLY A 570 3.60 -13.34 -10.46
C GLY A 570 5.05 -13.07 -10.84
N HIS A 571 5.21 -12.21 -11.84
CA HIS A 571 6.47 -12.09 -12.59
C HIS A 571 7.57 -11.40 -11.80
N GLY A 572 7.22 -10.58 -10.82
CA GLY A 572 8.24 -9.85 -10.08
C GLY A 572 9.04 -10.69 -9.10
N VAL A 573 8.56 -11.89 -8.77
CA VAL A 573 9.27 -12.80 -7.86
C VAL A 573 10.41 -13.51 -8.60
N THR A 578 10.21 -19.29 -2.54
CA THR A 578 10.03 -20.06 -1.31
C THR A 578 10.07 -19.18 -0.06
N ILE A 579 9.86 -17.87 -0.23
CA ILE A 579 9.96 -16.95 0.90
C ILE A 579 8.69 -16.98 1.76
N ASP A 580 7.51 -16.93 1.12
CA ASP A 580 6.23 -16.69 1.79
C ASP A 580 6.34 -15.60 2.84
N VAL A 581 6.44 -14.36 2.35
CA VAL A 581 6.58 -13.21 3.23
C VAL A 581 5.34 -13.06 4.08
N GLY A 582 4.19 -13.44 3.53
CA GLY A 582 2.96 -13.41 4.31
C GLY A 582 3.08 -14.20 5.59
N PHE A 583 3.50 -15.45 5.49
CA PHE A 583 3.72 -16.23 6.69
C PHE A 583 4.70 -15.53 7.62
N THR A 584 5.78 -14.97 7.06
CA THR A 584 6.78 -14.29 7.87
C THR A 584 6.23 -13.06 8.54
N LEU A 585 5.37 -12.29 7.87
CA LEU A 585 4.82 -11.09 8.49
C LEU A 585 3.86 -11.43 9.63
N LEU A 586 2.96 -12.38 9.41
CA LEU A 586 1.86 -12.67 10.31
C LEU A 586 2.21 -13.68 11.40
N PHE A 587 3.01 -14.70 11.12
CA PHE A 587 3.05 -15.89 11.95
C PHE A 587 4.39 -16.22 12.57
N GLN A 588 5.46 -15.51 12.24
CA GLN A 588 6.80 -15.88 12.68
C GLN A 588 7.36 -14.78 13.56
N PRO A 589 7.40 -14.95 14.86
CA PRO A 589 7.81 -13.86 15.74
C PRO A 589 9.31 -13.61 15.58
N ILE A 590 9.75 -12.52 16.20
CA ILE A 590 11.16 -12.19 16.30
C ILE A 590 11.65 -12.70 17.65
N PRO A 591 12.66 -13.58 17.68
CA PRO A 591 13.02 -14.24 18.95
C PRO A 591 13.43 -13.24 20.04
N LEU A 592 13.07 -13.59 21.27
CA LEU A 592 13.26 -12.73 22.46
C LEU A 592 12.40 -11.47 22.37
#